data_6PAH
#
_entry.id   6PAH
#
_cell.length_a   66.890
_cell.length_b   109.120
_cell.length_c   125.710
_cell.angle_alpha   90.00
_cell.angle_beta   90.00
_cell.angle_gamma   90.00
#
_symmetry.space_group_name_H-M   'C 2 2 21'
#
loop_
_entity.id
_entity.type
_entity.pdbx_description
1 polymer 'PHENYLALANINE 4-MONOOXYGENASE'
2 non-polymer 'FE (III) ION'
3 non-polymer 3,4-DIHYDROXYPHENYLALANINE
4 water water
#
_entity_poly.entity_id   1
_entity_poly.type   'polypeptide(L)'
_entity_poly.pdbx_seq_one_letter_code
;TVPWFPRTIQELDRFANQILSYGAELDADHPGFKDPVYRARRKQFADIAYNYRHGQPIPRVEYMEEEKKTWGTVFKTLKS
LYKTHACYEYNHIFPLLEKYCGFHEDNIPQLEDVSQFLQTCTGFRLRPVAGLLSSRDFLGGLAFRVFHCTQYIRHGSKPM
YTPEPDICHELLGHVPLFSDRSFAQFSQEIGLASLGAPDEYIEKLATIYWFTVEFGLCKQGDSIKAYGAGLLSSFGELQY
CLSEKPKLLPLELEKTAIQNYTVTEFQPLYYVAESFNDAKEKVRNFAATIPRPFSVRYDPYTQRIEVL
;
_entity_poly.pdbx_strand_id   A
#
# COMPACT_ATOMS: atom_id res chain seq x y z
N THR A 1 22.07 -13.16 -15.37
CA THR A 1 21.90 -13.97 -14.12
C THR A 1 20.72 -13.45 -13.27
N VAL A 2 19.73 -14.32 -13.07
CA VAL A 2 18.52 -14.01 -12.31
C VAL A 2 18.80 -13.11 -11.12
N PRO A 3 18.05 -12.02 -10.99
CA PRO A 3 18.25 -11.11 -9.87
C PRO A 3 17.87 -11.77 -8.57
N TRP A 4 18.60 -11.47 -7.50
CA TRP A 4 18.34 -12.05 -6.19
C TRP A 4 16.91 -11.76 -5.72
N PHE A 5 16.34 -12.70 -4.95
CA PHE A 5 15.04 -12.51 -4.36
C PHE A 5 14.98 -13.34 -3.10
N PRO A 6 14.29 -12.84 -2.06
CA PRO A 6 14.15 -13.54 -0.80
C PRO A 6 13.46 -14.89 -0.97
N ARG A 7 13.96 -15.92 -0.28
CA ARG A 7 13.34 -17.23 -0.33
C ARG A 7 12.54 -17.58 0.95
N THR A 8 12.84 -16.89 2.05
CA THR A 8 12.09 -17.10 3.29
C THR A 8 11.67 -15.72 3.73
N ILE A 9 10.70 -15.67 4.63
CA ILE A 9 10.17 -14.41 5.11
C ILE A 9 11.18 -13.57 5.91
N GLN A 10 12.15 -14.20 6.56
CA GLN A 10 13.17 -13.44 7.31
C GLN A 10 14.13 -12.69 6.40
N GLU A 11 14.37 -13.23 5.21
CA GLU A 11 15.28 -12.57 4.32
C GLU A 11 14.74 -11.19 3.94
N LEU A 12 13.48 -10.88 4.23
CA LEU A 12 13.05 -9.54 3.88
C LEU A 12 13.89 -8.53 4.67
N ASP A 13 14.54 -9.00 5.74
CA ASP A 13 15.36 -8.09 6.53
C ASP A 13 16.48 -7.45 5.72
N ARG A 14 16.87 -8.06 4.62
CA ARG A 14 17.93 -7.47 3.81
C ARG A 14 17.54 -6.18 3.11
N PHE A 15 16.22 -5.91 2.98
CA PHE A 15 15.79 -4.69 2.29
C PHE A 15 16.22 -3.39 2.97
N ALA A 16 16.36 -3.40 4.29
CA ALA A 16 16.74 -2.16 4.99
C ALA A 16 18.02 -1.52 4.47
N ASN A 17 18.94 -2.31 3.95
CA ASN A 17 20.20 -1.77 3.48
C ASN A 17 20.12 -1.46 1.99
N GLN A 18 18.90 -1.27 1.51
CA GLN A 18 18.71 -1.03 0.09
C GLN A 18 17.69 0.03 -0.23
N ILE A 19 17.37 0.88 0.73
CA ILE A 19 16.43 1.94 0.44
C ILE A 19 17.16 3.21 -0.06
N LEU A 20 16.36 4.17 -0.54
CA LEU A 20 16.86 5.45 -0.97
C LEU A 20 17.13 6.16 0.38
N SER A 21 18.40 6.47 0.65
CA SER A 21 18.81 7.10 1.91
C SER A 21 18.51 8.59 2.03
N TYR A 22 18.16 9.22 0.93
CA TYR A 22 17.87 10.65 0.94
C TYR A 22 16.39 10.90 0.65
N GLY A 23 15.62 10.92 1.72
CA GLY A 23 14.19 11.09 1.66
C GLY A 23 13.67 12.43 1.21
N ALA A 24 12.38 12.41 0.88
CA ALA A 24 11.64 13.56 0.40
C ALA A 24 11.61 14.73 1.38
N GLU A 25 11.71 14.45 2.68
CA GLU A 25 11.63 15.55 3.64
C GLU A 25 12.90 16.38 3.56
N LEU A 26 13.88 15.94 2.78
CA LEU A 26 15.09 16.70 2.62
C LEU A 26 14.98 17.65 1.43
N ASP A 27 13.89 17.61 0.65
CA ASP A 27 13.78 18.54 -0.50
C ASP A 27 13.16 19.84 -0.09
N ALA A 28 13.67 20.90 -0.70
CA ALA A 28 13.25 22.25 -0.41
C ALA A 28 11.76 22.50 -0.52
N ASP A 29 11.04 21.74 -1.32
CA ASP A 29 9.61 22.06 -1.36
C ASP A 29 8.73 21.13 -0.51
N HIS A 30 9.35 20.30 0.32
CA HIS A 30 8.56 19.43 1.19
C HIS A 30 7.88 20.36 2.22
N PRO A 31 6.59 20.13 2.53
CA PRO A 31 5.97 21.02 3.51
C PRO A 31 6.72 21.20 4.85
N GLY A 32 7.53 20.22 5.28
CA GLY A 32 8.21 20.37 6.56
C GLY A 32 9.71 20.58 6.46
N PHE A 33 10.15 20.99 5.28
CA PHE A 33 11.56 21.19 5.02
C PHE A 33 12.26 22.13 6.00
N LYS A 34 11.61 23.25 6.27
CA LYS A 34 12.20 24.25 7.18
C LYS A 34 11.89 24.01 8.64
N ASP A 35 11.23 22.91 8.97
CA ASP A 35 10.85 22.61 10.35
C ASP A 35 11.87 21.62 10.94
N PRO A 36 12.79 22.10 11.80
CA PRO A 36 13.77 21.16 12.35
C PRO A 36 13.22 20.11 13.29
N VAL A 37 12.10 20.37 13.96
CA VAL A 37 11.51 19.38 14.85
C VAL A 37 10.97 18.26 13.96
N TYR A 38 10.29 18.62 12.89
CA TYR A 38 9.75 17.63 11.95
C TYR A 38 10.90 16.78 11.40
N ARG A 39 11.96 17.44 10.98
CA ARG A 39 13.09 16.73 10.40
C ARG A 39 13.61 15.67 11.38
N ALA A 40 13.72 16.04 12.66
CA ALA A 40 14.23 15.12 13.70
C ALA A 40 13.23 14.01 13.94
N ARG A 41 11.96 14.35 13.95
CA ARG A 41 10.91 13.33 14.17
C ARG A 41 11.00 12.28 13.00
N ARG A 42 11.18 12.75 11.77
CA ARG A 42 11.30 11.84 10.63
C ARG A 42 12.52 10.92 10.77
N LYS A 43 13.62 11.46 11.29
CA LYS A 43 14.81 10.61 11.47
C LYS A 43 14.52 9.59 12.53
N GLN A 44 13.79 10.02 13.54
CA GLN A 44 13.44 9.10 14.61
C GLN A 44 12.63 7.93 14.04
N PHE A 45 11.64 8.19 13.19
CA PHE A 45 10.90 7.05 12.62
C PHE A 45 11.79 6.17 11.72
N ALA A 46 12.69 6.80 10.96
CA ALA A 46 13.59 6.04 10.08
C ALA A 46 14.50 5.07 10.88
N ASP A 47 15.00 5.52 12.04
CA ASP A 47 15.83 4.66 12.85
C ASP A 47 15.02 3.47 13.34
N ILE A 48 13.76 3.69 13.71
CA ILE A 48 12.96 2.54 14.13
C ILE A 48 12.86 1.55 12.96
N ALA A 49 12.52 2.02 11.77
CA ALA A 49 12.38 1.10 10.67
C ALA A 49 13.70 0.38 10.40
N TYR A 50 14.79 1.12 10.42
CA TYR A 50 16.11 0.56 10.13
C TYR A 50 16.51 -0.62 11.02
N ASN A 51 16.21 -0.53 12.30
CA ASN A 51 16.58 -1.55 13.26
C ASN A 51 15.57 -2.64 13.45
N TYR A 52 14.45 -2.56 12.77
CA TYR A 52 13.40 -3.56 12.95
C TYR A 52 13.85 -4.85 12.27
N ARG A 53 13.51 -5.98 12.85
CA ARG A 53 13.89 -7.27 12.26
C ARG A 53 12.64 -8.14 12.32
N HIS A 54 12.49 -9.01 11.32
CA HIS A 54 11.32 -9.90 11.26
C HIS A 54 11.09 -10.68 12.55
N GLY A 55 9.84 -10.76 12.99
CA GLY A 55 9.60 -11.48 14.22
C GLY A 55 9.46 -10.59 15.46
N GLN A 56 9.98 -9.37 15.42
CA GLN A 56 9.84 -8.49 16.57
C GLN A 56 8.53 -7.75 16.54
N PRO A 57 8.00 -7.42 17.72
CA PRO A 57 6.73 -6.68 17.66
C PRO A 57 7.17 -5.28 17.13
N ILE A 58 6.30 -4.58 16.40
CA ILE A 58 6.69 -3.27 15.90
C ILE A 58 6.64 -2.29 17.06
N PRO A 59 7.69 -1.51 17.27
CA PRO A 59 7.73 -0.54 18.38
C PRO A 59 6.51 0.42 18.43
N ARG A 60 5.98 0.64 19.63
CA ARG A 60 4.88 1.55 19.80
C ARG A 60 5.50 2.92 19.95
N VAL A 61 4.79 3.96 19.53
CA VAL A 61 5.31 5.32 19.58
C VAL A 61 4.23 6.26 20.13
N GLU A 62 4.67 7.23 20.92
CA GLU A 62 3.72 8.16 21.47
C GLU A 62 3.72 9.36 20.55
N TYR A 63 2.62 9.57 19.88
CA TYR A 63 2.48 10.65 18.94
C TYR A 63 2.21 11.95 19.71
N MET A 64 2.72 13.06 19.22
CA MET A 64 2.54 14.35 19.83
C MET A 64 1.14 14.87 19.56
N GLU A 65 0.69 15.84 20.38
CA GLU A 65 -0.64 16.44 20.21
C GLU A 65 -0.85 16.97 18.80
N GLU A 66 0.17 17.64 18.25
CA GLU A 66 0.13 18.18 16.91
C GLU A 66 -0.07 17.10 15.83
N GLU A 67 0.60 15.96 15.98
CA GLU A 67 0.46 14.88 15.02
C GLU A 67 -0.96 14.30 15.12
N LYS A 68 -1.49 14.13 16.34
CA LYS A 68 -2.84 13.61 16.54
C LYS A 68 -3.89 14.56 15.89
N LYS A 69 -3.64 15.87 15.98
CA LYS A 69 -4.54 16.85 15.39
C LYS A 69 -4.61 16.66 13.85
N THR A 70 -3.44 16.48 13.21
CA THR A 70 -3.37 16.27 11.78
C THR A 70 -4.11 15.01 11.37
N TRP A 71 -3.91 13.92 12.11
CA TRP A 71 -4.62 12.67 11.85
C TRP A 71 -6.15 12.87 11.96
N GLY A 72 -6.57 13.58 13.01
CA GLY A 72 -7.99 13.83 13.23
C GLY A 72 -8.66 14.60 12.13
N THR A 73 -7.97 15.60 11.60
CA THR A 73 -8.49 16.39 10.51
C THR A 73 -8.69 15.51 9.25
N VAL A 74 -7.69 14.69 8.91
CA VAL A 74 -7.78 13.84 7.74
C VAL A 74 -8.87 12.78 7.86
N PHE A 75 -8.92 12.13 9.01
CA PHE A 75 -9.88 11.09 9.32
C PHE A 75 -11.29 11.62 9.26
N LYS A 76 -11.55 12.76 9.87
CA LYS A 76 -12.93 13.27 9.86
C LYS A 76 -13.42 13.65 8.49
N THR A 77 -12.57 14.32 7.74
CA THR A 77 -12.91 14.77 6.41
C THR A 77 -13.14 13.60 5.41
N LEU A 78 -12.29 12.57 5.43
CA LEU A 78 -12.46 11.44 4.54
C LEU A 78 -13.61 10.51 4.91
N LYS A 79 -13.83 10.28 6.20
CA LYS A 79 -14.86 9.35 6.64
C LYS A 79 -16.23 9.65 6.04
N SER A 80 -16.52 10.93 5.84
CA SER A 80 -17.81 11.30 5.29
C SER A 80 -18.05 10.68 3.90
N LEU A 81 -17.01 10.36 3.14
CA LEU A 81 -17.22 9.82 1.78
C LEU A 81 -17.31 8.30 1.63
N TYR A 82 -16.87 7.56 2.64
CA TYR A 82 -16.81 6.11 2.49
C TYR A 82 -18.10 5.35 2.22
N LYS A 83 -19.16 5.65 2.95
CA LYS A 83 -20.39 4.90 2.75
C LYS A 83 -20.90 5.02 1.31
N THR A 84 -20.62 6.11 0.62
CA THR A 84 -21.12 6.24 -0.74
C THR A 84 -20.06 5.96 -1.82
N HIS A 85 -18.78 6.20 -1.55
CA HIS A 85 -17.72 5.99 -2.56
C HIS A 85 -16.87 4.74 -2.48
N ALA A 86 -16.64 4.26 -1.26
CA ALA A 86 -15.76 3.12 -1.10
C ALA A 86 -16.47 1.78 -1.36
N CYS A 87 -15.70 0.79 -1.77
CA CYS A 87 -16.29 -0.50 -2.06
C CYS A 87 -16.82 -1.22 -0.80
N TYR A 88 -17.68 -2.19 -1.06
CA TYR A 88 -18.30 -2.97 -0.01
C TYR A 88 -17.26 -3.54 0.99
N GLU A 89 -16.17 -4.16 0.47
CA GLU A 89 -15.19 -4.73 1.39
C GLU A 89 -14.64 -3.70 2.39
N TYR A 90 -14.46 -2.45 1.96
CA TYR A 90 -13.94 -1.39 2.82
C TYR A 90 -14.90 -1.09 3.96
N ASN A 91 -16.15 -0.81 3.60
CA ASN A 91 -17.19 -0.48 4.57
C ASN A 91 -17.52 -1.63 5.53
N HIS A 92 -17.42 -2.86 5.05
CA HIS A 92 -17.71 -4.01 5.87
C HIS A 92 -16.67 -4.17 7.01
N ILE A 93 -15.40 -3.86 6.71
CA ILE A 93 -14.42 -4.05 7.76
C ILE A 93 -14.14 -2.80 8.65
N PHE A 94 -14.45 -1.61 8.15
CA PHE A 94 -14.14 -0.39 8.92
C PHE A 94 -14.64 -0.36 10.38
N PRO A 95 -15.92 -0.74 10.63
CA PRO A 95 -16.43 -0.76 12.00
C PRO A 95 -15.55 -1.61 12.92
N LEU A 96 -15.02 -2.74 12.43
CA LEU A 96 -14.17 -3.60 13.21
C LEU A 96 -12.83 -2.92 13.53
N LEU A 97 -12.36 -2.08 12.59
CA LEU A 97 -11.13 -1.34 12.80
C LEU A 97 -11.37 -0.27 13.89
N GLU A 98 -12.52 0.39 13.87
CA GLU A 98 -12.85 1.39 14.88
C GLU A 98 -12.93 0.69 16.24
N LYS A 99 -13.52 -0.49 16.27
CA LYS A 99 -13.68 -1.22 17.51
C LYS A 99 -12.45 -1.94 18.04
N TYR A 100 -11.64 -2.59 17.20
CA TYR A 100 -10.47 -3.28 17.78
C TYR A 100 -9.11 -2.66 17.58
N CYS A 101 -8.98 -1.72 16.66
CA CYS A 101 -7.68 -1.11 16.41
C CYS A 101 -7.60 0.33 16.80
N GLY A 102 -8.67 0.87 17.35
CA GLY A 102 -8.61 2.25 17.77
C GLY A 102 -8.65 3.29 16.68
N PHE A 103 -9.31 3.00 15.55
CA PHE A 103 -9.44 3.98 14.45
C PHE A 103 -10.47 5.00 14.91
N HIS A 104 -10.03 6.15 15.39
CA HIS A 104 -10.95 7.18 15.88
C HIS A 104 -10.21 8.45 15.65
N GLU A 105 -10.93 9.56 15.60
CA GLU A 105 -10.38 10.87 15.34
C GLU A 105 -9.32 11.30 16.38
N ASP A 106 -9.41 10.80 17.59
CA ASP A 106 -8.50 11.26 18.61
C ASP A 106 -7.33 10.38 18.88
N ASN A 107 -7.16 9.35 18.08
CA ASN A 107 -6.09 8.44 18.38
C ASN A 107 -5.44 7.88 17.14
N ILE A 108 -4.10 7.89 17.06
CA ILE A 108 -3.50 7.29 15.88
C ILE A 108 -3.25 5.83 16.20
N PRO A 109 -3.83 4.89 15.44
CA PRO A 109 -3.62 3.45 15.71
C PRO A 109 -2.11 3.07 15.68
N GLN A 110 -1.69 2.14 16.53
CA GLN A 110 -0.31 1.69 16.57
C GLN A 110 -0.19 0.52 15.55
N LEU A 111 0.88 0.51 14.74
CA LEU A 111 1.10 -0.54 13.72
C LEU A 111 1.09 -1.97 14.25
N GLU A 112 1.63 -2.23 15.43
CA GLU A 112 1.59 -3.59 15.98
C GLU A 112 0.16 -4.08 16.17
N ASP A 113 -0.73 -3.23 16.66
CA ASP A 113 -2.11 -3.69 16.85
C ASP A 113 -2.74 -3.95 15.48
N VAL A 114 -2.47 -3.05 14.54
CA VAL A 114 -3.03 -3.23 13.20
C VAL A 114 -2.45 -4.52 12.59
N SER A 115 -1.15 -4.75 12.70
CA SER A 115 -0.57 -5.95 12.12
C SER A 115 -1.21 -7.25 12.70
N GLN A 116 -1.42 -7.28 14.00
CA GLN A 116 -2.04 -8.47 14.63
C GLN A 116 -3.45 -8.68 14.07
N PHE A 117 -4.22 -7.59 13.89
CA PHE A 117 -5.59 -7.71 13.37
C PHE A 117 -5.52 -8.30 11.94
N LEU A 118 -4.68 -7.71 11.07
CA LEU A 118 -4.52 -8.24 9.73
C LEU A 118 -4.12 -9.71 9.72
N GLN A 119 -3.23 -10.09 10.63
CA GLN A 119 -2.79 -11.48 10.70
C GLN A 119 -3.96 -12.41 10.94
N THR A 120 -4.86 -11.98 11.80
CA THR A 120 -6.06 -12.75 12.11
C THR A 120 -7.05 -12.86 10.96
N CYS A 121 -7.12 -11.85 10.12
CA CYS A 121 -8.05 -11.87 9.00
C CYS A 121 -7.53 -12.66 7.80
N THR A 122 -6.30 -12.37 7.37
CA THR A 122 -5.76 -13.01 6.16
C THR A 122 -4.29 -13.42 6.25
N GLY A 123 -3.68 -13.26 7.40
CA GLY A 123 -2.26 -13.62 7.45
C GLY A 123 -1.34 -12.50 6.95
N PHE A 124 -1.90 -11.36 6.56
CA PHE A 124 -1.06 -10.24 6.13
C PHE A 124 -0.40 -9.60 7.34
N ARG A 125 0.78 -9.06 7.18
CA ARG A 125 1.39 -8.42 8.33
C ARG A 125 2.10 -7.16 7.88
N LEU A 126 2.38 -6.25 8.80
CA LEU A 126 3.05 -5.02 8.39
C LEU A 126 4.49 -4.98 8.90
N ARG A 127 5.34 -4.20 8.24
CA ARG A 127 6.64 -3.94 8.82
C ARG A 127 6.89 -2.47 8.50
N PRO A 128 7.50 -1.74 9.45
CA PRO A 128 7.79 -0.31 9.29
C PRO A 128 8.85 -0.12 8.25
N VAL A 129 8.71 0.90 7.42
CA VAL A 129 9.74 1.08 6.43
C VAL A 129 10.37 2.46 6.50
N ALA A 130 11.69 2.49 6.35
CA ALA A 130 12.40 3.76 6.47
C ALA A 130 11.99 4.75 5.38
N GLY A 131 12.61 4.63 4.21
CA GLY A 131 12.31 5.48 3.09
C GLY A 131 11.76 4.67 1.92
N LEU A 132 12.15 5.03 0.70
CA LEU A 132 11.62 4.38 -0.48
C LEU A 132 12.35 3.13 -0.89
N LEU A 133 11.58 2.07 -1.01
CA LEU A 133 12.11 0.79 -1.39
C LEU A 133 12.09 0.75 -2.87
N SER A 134 12.98 0.00 -3.48
CA SER A 134 12.87 -0.13 -4.93
C SER A 134 11.56 -0.88 -5.23
N SER A 135 11.09 -0.83 -6.46
CA SER A 135 9.88 -1.53 -6.84
C SER A 135 10.00 -3.02 -6.64
N ARG A 136 11.14 -3.54 -7.04
CA ARG A 136 11.41 -4.97 -6.90
C ARG A 136 11.25 -5.44 -5.44
N ASP A 137 11.84 -4.71 -4.49
CA ASP A 137 11.78 -5.13 -3.08
C ASP A 137 10.38 -4.93 -2.51
N PHE A 138 9.78 -3.80 -2.84
CA PHE A 138 8.48 -3.52 -2.38
C PHE A 138 7.47 -4.62 -2.83
N LEU A 139 7.44 -4.96 -4.12
CA LEU A 139 6.50 -5.98 -4.63
C LEU A 139 6.85 -7.35 -4.06
N GLY A 140 8.16 -7.63 -3.94
CA GLY A 140 8.63 -8.91 -3.38
C GLY A 140 8.04 -9.23 -2.02
N GLY A 141 7.90 -8.23 -1.14
CA GLY A 141 7.32 -8.46 0.17
C GLY A 141 5.90 -8.97 0.04
N LEU A 142 5.14 -8.46 -0.93
CA LEU A 142 3.77 -8.94 -1.10
C LEU A 142 3.69 -10.48 -1.28
N ALA A 143 4.72 -11.09 -1.87
CA ALA A 143 4.72 -12.55 -2.07
C ALA A 143 4.53 -13.32 -0.72
N PHE A 144 5.04 -12.76 0.37
CA PHE A 144 4.94 -13.34 1.70
C PHE A 144 3.77 -12.74 2.49
N ARG A 145 2.89 -12.00 1.83
CA ARG A 145 1.81 -11.30 2.49
C ARG A 145 2.38 -10.35 3.53
N VAL A 146 3.44 -9.63 3.14
CA VAL A 146 4.03 -8.64 4.01
C VAL A 146 3.89 -7.26 3.31
N PHE A 147 3.34 -6.29 4.03
CA PHE A 147 3.19 -4.94 3.46
C PHE A 147 4.13 -3.94 4.15
N HIS A 148 5.06 -3.34 3.42
CA HIS A 148 5.96 -2.30 4.01
C HIS A 148 5.14 -0.99 4.20
N CYS A 149 5.10 -0.54 5.44
CA CYS A 149 4.23 0.52 5.87
C CYS A 149 4.91 1.69 6.52
N THR A 150 4.58 2.94 6.14
CA THR A 150 5.23 4.07 6.81
C THR A 150 4.56 4.29 8.18
N GLN A 151 5.33 4.79 9.13
CA GLN A 151 4.81 4.99 10.48
C GLN A 151 4.75 6.47 10.83
N TYR A 152 5.42 7.32 10.05
CA TYR A 152 5.40 8.75 10.30
C TYR A 152 4.16 9.44 9.70
N ILE A 153 3.88 10.66 10.13
CA ILE A 153 2.73 11.39 9.59
C ILE A 153 3.21 12.64 8.83
N ARG A 154 2.41 13.08 7.84
CA ARG A 154 2.67 14.28 7.05
C ARG A 154 2.79 15.53 7.96
N HIS A 155 3.42 16.59 7.44
CA HIS A 155 3.58 17.81 8.19
C HIS A 155 2.22 18.45 8.43
N GLY A 156 2.01 18.95 9.67
CA GLY A 156 0.71 19.52 10.03
C GLY A 156 0.31 20.83 9.37
N SER A 157 1.23 21.43 8.63
CA SER A 157 0.92 22.72 7.96
C SER A 157 -0.05 22.55 6.79
N LYS A 158 -0.11 21.34 6.22
CA LYS A 158 -1.01 21.07 5.11
C LYS A 158 -1.59 19.69 5.32
N PRO A 159 -2.51 19.57 6.27
CA PRO A 159 -3.13 18.28 6.59
C PRO A 159 -3.82 17.53 5.45
N MET A 160 -4.33 18.24 4.45
CA MET A 160 -4.99 17.54 3.36
C MET A 160 -4.05 17.23 2.21
N TYR A 161 -2.76 17.43 2.43
CA TYR A 161 -1.79 17.22 1.37
C TYR A 161 -0.56 16.44 1.76
N THR A 162 -0.16 15.48 0.94
CA THR A 162 1.08 14.79 1.19
C THR A 162 1.77 14.34 -0.12
N PRO A 163 3.07 14.66 -0.28
CA PRO A 163 3.74 14.24 -1.53
C PRO A 163 4.31 12.81 -1.41
N GLU A 164 3.92 12.09 -0.38
CA GLU A 164 4.52 10.78 -0.19
C GLU A 164 3.55 9.98 0.65
N PRO A 165 3.70 8.66 0.68
CA PRO A 165 2.74 7.96 1.56
C PRO A 165 3.09 8.36 3.00
N ASP A 166 2.13 8.36 3.91
CA ASP A 166 2.42 8.65 5.29
C ASP A 166 1.42 7.71 5.98
N ILE A 167 1.37 7.72 7.30
CA ILE A 167 0.53 6.84 8.03
C ILE A 167 -0.98 6.96 7.75
N CYS A 168 -1.49 8.16 7.43
CA CYS A 168 -2.90 8.35 7.14
C CYS A 168 -3.21 7.58 5.87
N HIS A 169 -2.34 7.70 4.88
CA HIS A 169 -2.53 6.97 3.63
C HIS A 169 -2.46 5.44 3.84
N GLU A 170 -1.46 4.96 4.57
CA GLU A 170 -1.37 3.51 4.81
C GLU A 170 -2.64 2.98 5.52
N LEU A 171 -3.02 3.59 6.64
CA LEU A 171 -4.15 3.06 7.44
C LEU A 171 -5.57 3.29 6.87
N LEU A 172 -5.82 4.45 6.26
CA LEU A 172 -7.15 4.69 5.71
C LEU A 172 -7.26 4.17 4.28
N GLY A 173 -6.12 4.11 3.57
CA GLY A 173 -6.13 3.64 2.21
C GLY A 173 -5.86 2.13 1.99
N HIS A 174 -4.73 1.60 2.44
CA HIS A 174 -4.38 0.21 2.22
C HIS A 174 -4.94 -0.82 3.13
N VAL A 175 -4.73 -0.56 4.42
CA VAL A 175 -5.11 -1.49 5.45
C VAL A 175 -6.46 -2.14 5.39
N PRO A 176 -7.53 -1.37 5.22
CA PRO A 176 -8.82 -2.03 5.17
C PRO A 176 -8.98 -3.11 4.06
N LEU A 177 -8.35 -2.91 2.90
CA LEU A 177 -8.48 -3.88 1.82
C LEU A 177 -7.64 -5.17 2.11
N PHE A 178 -6.51 -5.00 2.80
CA PHE A 178 -5.70 -6.16 3.12
C PHE A 178 -6.43 -7.12 4.10
N SER A 179 -7.58 -6.71 4.61
CA SER A 179 -8.32 -7.57 5.51
C SER A 179 -9.30 -8.44 4.74
N ASP A 180 -9.41 -8.22 3.44
CA ASP A 180 -10.29 -9.03 2.63
C ASP A 180 -9.50 -10.20 2.04
N ARG A 181 -10.05 -11.41 2.13
CA ARG A 181 -9.35 -12.59 1.65
C ARG A 181 -9.09 -12.55 0.16
N SER A 182 -10.05 -12.22 -0.68
CA SER A 182 -9.75 -12.18 -2.12
C SER A 182 -8.76 -11.10 -2.48
N PHE A 183 -8.85 -9.92 -1.85
CA PHE A 183 -7.90 -8.85 -2.16
C PHE A 183 -6.47 -9.31 -1.78
N ALA A 184 -6.39 -9.96 -0.63
CA ALA A 184 -5.11 -10.47 -0.12
C ALA A 184 -4.48 -11.46 -1.11
N GLN A 185 -5.29 -12.35 -1.65
CA GLN A 185 -4.77 -13.31 -2.63
C GLN A 185 -4.29 -12.57 -3.89
N PHE A 186 -5.11 -11.64 -4.36
CA PHE A 186 -4.80 -10.84 -5.54
C PHE A 186 -3.46 -10.10 -5.39
N SER A 187 -3.27 -9.39 -4.26
CA SER A 187 -2.06 -8.63 -4.10
C SER A 187 -0.82 -9.56 -3.94
N GLN A 188 -1.03 -10.74 -3.35
CA GLN A 188 0.05 -11.73 -3.25
C GLN A 188 0.46 -12.27 -4.67
N GLU A 189 -0.49 -12.44 -5.60
CA GLU A 189 -0.08 -12.89 -6.95
C GLU A 189 0.87 -11.88 -7.62
N ILE A 190 0.63 -10.59 -7.39
CA ILE A 190 1.45 -9.55 -7.97
C ILE A 190 2.84 -9.80 -7.41
N GLY A 191 2.90 -10.01 -6.09
CA GLY A 191 4.19 -10.26 -5.46
C GLY A 191 4.92 -11.47 -6.05
N LEU A 192 4.19 -12.57 -6.21
CA LEU A 192 4.78 -13.80 -6.72
C LEU A 192 5.30 -13.63 -8.14
N ALA A 193 4.54 -12.89 -8.96
CA ALA A 193 4.93 -12.63 -10.34
C ALA A 193 6.23 -11.86 -10.39
N SER A 194 6.50 -11.06 -9.37
CA SER A 194 7.70 -10.24 -9.41
C SER A 194 9.01 -10.94 -9.06
N LEU A 195 8.92 -12.05 -8.35
CA LEU A 195 10.14 -12.68 -7.88
C LEU A 195 11.07 -13.14 -9.00
N GLY A 196 12.27 -12.57 -9.04
CA GLY A 196 13.23 -12.96 -10.05
C GLY A 196 12.91 -12.48 -11.44
N ALA A 197 11.86 -11.66 -11.60
CA ALA A 197 11.52 -11.12 -12.92
C ALA A 197 12.56 -10.08 -13.41
N PRO A 198 12.70 -9.95 -14.75
CA PRO A 198 13.67 -8.96 -15.28
C PRO A 198 13.19 -7.54 -14.93
N ASP A 199 14.13 -6.61 -14.78
CA ASP A 199 13.84 -5.22 -14.45
C ASP A 199 12.69 -4.61 -15.30
N GLU A 200 12.73 -4.78 -16.61
CA GLU A 200 11.66 -4.20 -17.41
C GLU A 200 10.27 -4.76 -17.07
N TYR A 201 10.20 -5.96 -16.53
CA TYR A 201 8.89 -6.50 -16.16
C TYR A 201 8.47 -6.04 -14.79
N ILE A 202 9.43 -5.79 -13.93
CA ILE A 202 9.13 -5.25 -12.61
C ILE A 202 8.39 -3.90 -12.87
N GLU A 203 8.87 -3.10 -13.83
CA GLU A 203 8.21 -1.80 -14.08
C GLU A 203 6.79 -1.99 -14.57
N LYS A 204 6.54 -3.07 -15.31
CA LYS A 204 5.20 -3.37 -15.79
C LYS A 204 4.32 -3.76 -14.60
N LEU A 205 4.83 -4.61 -13.71
CA LEU A 205 4.05 -4.99 -12.53
C LEU A 205 3.84 -3.76 -11.61
N ALA A 206 4.83 -2.88 -11.54
CA ALA A 206 4.70 -1.67 -10.75
C ALA A 206 3.55 -0.82 -11.34
N THR A 207 3.44 -0.78 -12.66
CA THR A 207 2.37 -0.02 -13.33
C THR A 207 1.01 -0.69 -13.09
N ILE A 208 0.98 -2.00 -13.14
CA ILE A 208 -0.29 -2.71 -12.83
C ILE A 208 -0.72 -2.43 -11.35
N TYR A 209 0.28 -2.44 -10.44
CA TYR A 209 0.04 -2.18 -9.02
C TYR A 209 -0.58 -0.76 -8.86
N TRP A 210 0.03 0.21 -9.50
CA TRP A 210 -0.45 1.59 -9.48
C TRP A 210 -1.91 1.69 -9.93
N PHE A 211 -2.29 1.00 -11.02
CA PHE A 211 -3.66 1.05 -11.54
C PHE A 211 -4.69 0.12 -10.86
N THR A 212 -4.27 -0.63 -9.85
CA THR A 212 -5.17 -1.51 -9.11
C THR A 212 -5.08 -1.17 -7.60
N VAL A 213 -4.03 -1.66 -6.94
CA VAL A 213 -3.87 -1.39 -5.50
C VAL A 213 -3.90 0.10 -5.14
N GLU A 214 -3.32 0.97 -5.98
CA GLU A 214 -3.30 2.41 -5.63
C GLU A 214 -4.47 3.19 -6.16
N PHE A 215 -4.79 2.97 -7.45
CA PHE A 215 -5.89 3.70 -8.08
C PHE A 215 -7.02 2.94 -8.73
N GLY A 216 -7.23 1.72 -8.27
CA GLY A 216 -8.29 0.91 -8.83
C GLY A 216 -9.73 1.30 -8.49
N LEU A 217 -10.58 0.99 -9.48
CA LEU A 217 -12.04 1.13 -9.42
C LEU A 217 -12.57 -0.33 -9.63
N CYS A 218 -13.66 -0.71 -8.96
CA CYS A 218 -14.18 -2.05 -9.19
C CYS A 218 -15.70 -2.04 -9.37
N LYS A 219 -16.20 -3.02 -10.12
CA LYS A 219 -17.67 -3.18 -10.32
C LYS A 219 -18.29 -3.79 -9.06
N GLN A 220 -19.48 -3.29 -8.69
CA GLN A 220 -20.18 -3.77 -7.50
C GLN A 220 -21.68 -3.60 -7.81
N GLY A 221 -22.39 -4.72 -7.97
CA GLY A 221 -23.79 -4.62 -8.32
C GLY A 221 -23.73 -4.04 -9.73
N ASP A 222 -24.51 -3.01 -9.98
CA ASP A 222 -24.48 -2.40 -11.28
C ASP A 222 -23.77 -1.08 -11.11
N SER A 223 -23.13 -0.90 -9.96
CA SER A 223 -22.44 0.36 -9.71
C SER A 223 -20.92 0.20 -9.82
N ILE A 224 -20.21 1.31 -9.61
CA ILE A 224 -18.75 1.34 -9.64
C ILE A 224 -18.28 1.94 -8.28
N LYS A 225 -17.25 1.35 -7.68
CA LYS A 225 -16.72 1.85 -6.40
C LYS A 225 -15.18 1.88 -6.41
N ALA A 226 -14.60 2.70 -5.50
CA ALA A 226 -13.15 2.85 -5.36
C ALA A 226 -12.60 1.81 -4.39
N TYR A 227 -11.47 1.24 -4.73
CA TYR A 227 -10.82 0.34 -3.79
C TYR A 227 -9.32 0.73 -3.76
N GLY A 228 -8.86 1.61 -4.66
CA GLY A 228 -7.45 1.97 -4.69
C GLY A 228 -7.11 2.80 -3.45
N ALA A 229 -5.99 2.45 -2.81
CA ALA A 229 -5.56 3.17 -1.64
C ALA A 229 -5.31 4.67 -1.83
N GLY A 230 -4.80 5.05 -2.99
CA GLY A 230 -4.54 6.44 -3.28
C GLY A 230 -5.84 7.24 -3.42
N LEU A 231 -6.88 6.57 -3.86
CA LEU A 231 -8.19 7.22 -3.97
C LEU A 231 -8.81 7.34 -2.59
N LEU A 232 -8.77 6.24 -1.84
CA LEU A 232 -9.39 6.19 -0.52
C LEU A 232 -8.75 7.13 0.52
N SER A 233 -7.52 7.62 0.26
CA SER A 233 -6.90 8.52 1.22
C SER A 233 -6.78 9.92 0.63
N SER A 234 -7.49 10.18 -0.47
CA SER A 234 -7.44 11.48 -1.09
C SER A 234 -8.85 12.08 -1.27
N PHE A 235 -9.18 13.06 -0.41
CA PHE A 235 -10.51 13.65 -0.44
C PHE A 235 -11.00 14.13 -1.77
N GLY A 236 -10.12 14.80 -2.48
CA GLY A 236 -10.51 15.34 -3.76
C GLY A 236 -10.60 14.33 -4.88
N GLU A 237 -9.60 13.47 -4.99
CA GLU A 237 -9.65 12.54 -6.08
C GLU A 237 -10.74 11.48 -5.83
N LEU A 238 -11.08 11.19 -4.56
CA LEU A 238 -12.13 10.18 -4.31
C LEU A 238 -13.50 10.62 -4.91
N GLN A 239 -13.81 11.91 -4.81
CA GLN A 239 -15.07 12.43 -5.32
C GLN A 239 -14.96 12.51 -6.83
N TYR A 240 -13.83 12.99 -7.30
CA TYR A 240 -13.60 13.10 -8.73
C TYR A 240 -13.68 11.78 -9.52
N CYS A 241 -13.13 10.68 -8.96
CA CYS A 241 -13.07 9.42 -9.70
C CYS A 241 -14.41 8.78 -10.01
N LEU A 242 -15.47 9.15 -9.28
CA LEU A 242 -16.80 8.59 -9.52
C LEU A 242 -17.75 9.65 -10.16
N SER A 243 -17.17 10.71 -10.70
CA SER A 243 -17.96 11.72 -11.40
C SER A 243 -17.91 11.40 -12.90
N GLU A 244 -18.42 12.28 -13.74
CA GLU A 244 -18.40 11.97 -15.16
C GLU A 244 -17.08 12.37 -15.80
N LYS A 245 -16.19 13.01 -15.07
CA LYS A 245 -14.97 13.49 -15.74
C LYS A 245 -13.90 12.50 -16.27
N PRO A 246 -13.41 11.55 -15.42
CA PRO A 246 -12.39 10.59 -15.89
C PRO A 246 -12.85 9.58 -16.96
N LYS A 247 -11.89 9.04 -17.70
CA LYS A 247 -12.21 8.02 -18.69
C LYS A 247 -12.04 6.68 -18.00
N LEU A 248 -13.05 5.82 -18.10
CA LEU A 248 -12.97 4.49 -17.49
C LEU A 248 -12.74 3.41 -18.57
N LEU A 249 -11.80 2.50 -18.31
CA LEU A 249 -11.49 1.39 -19.22
C LEU A 249 -11.44 0.08 -18.43
N PRO A 250 -11.88 -1.02 -19.06
CA PRO A 250 -11.86 -2.31 -18.35
C PRO A 250 -10.41 -2.70 -18.10
N LEU A 251 -10.17 -3.36 -16.98
CA LEU A 251 -8.84 -3.81 -16.65
C LEU A 251 -8.42 -4.91 -17.68
N GLU A 252 -7.37 -4.64 -18.45
CA GLU A 252 -6.79 -5.59 -19.44
C GLU A 252 -5.30 -5.44 -19.21
N LEU A 253 -4.66 -6.41 -18.59
CA LEU A 253 -3.26 -6.24 -18.22
C LEU A 253 -2.25 -5.90 -19.30
N GLU A 254 -2.50 -6.36 -20.52
CA GLU A 254 -1.59 -6.08 -21.63
C GLU A 254 -1.60 -4.58 -21.88
N LYS A 255 -2.75 -3.94 -21.74
CA LYS A 255 -2.82 -2.50 -21.94
C LYS A 255 -2.43 -1.75 -20.65
N THR A 256 -2.97 -2.19 -19.52
CA THR A 256 -2.68 -1.53 -18.29
C THR A 256 -1.18 -1.46 -18.01
N ALA A 257 -0.48 -2.56 -18.26
CA ALA A 257 0.96 -2.65 -18.00
C ALA A 257 1.83 -1.57 -18.65
N ILE A 258 1.38 -1.02 -19.77
CA ILE A 258 2.18 -0.02 -20.43
C ILE A 258 1.58 1.37 -20.43
N GLN A 259 0.52 1.58 -19.64
CA GLN A 259 -0.12 2.88 -19.58
C GLN A 259 0.74 3.86 -18.80
N ASN A 260 0.84 5.10 -19.28
CA ASN A 260 1.60 6.11 -18.57
C ASN A 260 0.69 6.75 -17.53
N TYR A 261 1.29 7.29 -16.49
CA TYR A 261 0.51 7.95 -15.48
C TYR A 261 1.31 9.10 -14.88
N THR A 262 0.63 10.08 -14.30
CA THR A 262 1.32 11.18 -13.66
C THR A 262 1.08 10.98 -12.19
N VAL A 263 2.03 11.36 -11.37
CA VAL A 263 1.90 11.21 -9.94
C VAL A 263 1.45 12.51 -9.31
N THR A 264 1.37 13.57 -10.10
CA THR A 264 1.04 14.86 -9.50
C THR A 264 -0.36 15.47 -9.70
N GLU A 265 -1.19 14.91 -10.56
CA GLU A 265 -2.53 15.48 -10.67
C GLU A 265 -3.48 14.32 -10.61
N PHE A 266 -4.78 14.61 -10.61
CA PHE A 266 -5.77 13.56 -10.61
C PHE A 266 -5.53 12.74 -11.85
N GLN A 267 -5.84 11.45 -11.78
CA GLN A 267 -5.70 10.54 -12.92
C GLN A 267 -6.76 10.85 -14.00
N PRO A 268 -6.35 10.94 -15.28
CA PRO A 268 -7.18 11.20 -16.48
C PRO A 268 -8.02 9.92 -16.73
N LEU A 269 -7.46 8.76 -16.38
CA LEU A 269 -8.20 7.53 -16.56
C LEU A 269 -7.91 6.45 -15.51
N TYR A 270 -8.90 5.58 -15.30
CA TYR A 270 -8.84 4.49 -14.35
C TYR A 270 -9.25 3.19 -15.00
N TYR A 271 -8.73 2.09 -14.46
CA TYR A 271 -9.13 0.77 -14.91
C TYR A 271 -10.08 0.17 -13.90
N VAL A 272 -11.17 -0.41 -14.42
CA VAL A 272 -12.22 -1.02 -13.62
C VAL A 272 -12.04 -2.55 -13.56
N ALA A 273 -11.91 -3.09 -12.35
CA ALA A 273 -11.77 -4.54 -12.17
C ALA A 273 -13.18 -5.16 -12.01
N GLU A 274 -13.41 -6.37 -12.51
CA GLU A 274 -14.73 -7.03 -12.39
C GLU A 274 -14.91 -7.45 -10.96
N SER A 275 -13.81 -7.94 -10.36
CA SER A 275 -13.77 -8.36 -8.96
C SER A 275 -12.29 -8.64 -8.66
N PHE A 276 -11.96 -8.81 -7.40
CA PHE A 276 -10.58 -9.08 -7.03
C PHE A 276 -10.17 -10.50 -7.51
N ASN A 277 -11.12 -11.46 -7.48
CA ASN A 277 -10.79 -12.81 -7.94
C ASN A 277 -10.45 -12.78 -9.40
N ASP A 278 -11.23 -12.03 -10.17
CA ASP A 278 -10.94 -11.94 -11.59
C ASP A 278 -9.59 -11.23 -11.86
N ALA A 279 -9.33 -10.16 -11.14
CA ALA A 279 -8.08 -9.46 -11.28
C ALA A 279 -6.94 -10.45 -10.92
N LYS A 280 -7.15 -11.24 -9.86
CA LYS A 280 -6.14 -12.21 -9.46
C LYS A 280 -5.80 -13.18 -10.61
N GLU A 281 -6.85 -13.68 -11.26
CA GLU A 281 -6.67 -14.60 -12.38
C GLU A 281 -5.90 -13.98 -13.52
N LYS A 282 -6.16 -12.70 -13.82
CA LYS A 282 -5.48 -12.02 -14.90
C LYS A 282 -3.99 -11.79 -14.62
N VAL A 283 -3.66 -11.52 -13.35
CA VAL A 283 -2.28 -11.33 -12.97
C VAL A 283 -1.55 -12.66 -13.17
N ARG A 284 -2.17 -13.73 -12.71
CA ARG A 284 -1.59 -15.05 -12.85
C ARG A 284 -1.34 -15.41 -14.32
N ASN A 285 -2.28 -15.09 -15.21
CA ASN A 285 -2.05 -15.38 -16.62
C ASN A 285 -0.93 -14.52 -17.15
N PHE A 286 -0.94 -13.25 -16.77
CA PHE A 286 0.07 -12.33 -17.23
C PHE A 286 1.44 -12.79 -16.75
N ALA A 287 1.48 -13.29 -15.52
CA ALA A 287 2.74 -13.74 -14.92
C ALA A 287 3.37 -14.89 -15.72
N ALA A 288 2.54 -15.67 -16.41
CA ALA A 288 3.06 -16.78 -17.21
C ALA A 288 3.77 -16.29 -18.45
N THR A 289 3.66 -15.00 -18.78
CA THR A 289 4.34 -14.48 -19.95
C THR A 289 5.65 -13.85 -19.53
N ILE A 290 5.96 -13.81 -18.26
CA ILE A 290 7.21 -13.22 -17.85
C ILE A 290 8.33 -14.21 -18.00
N PRO A 291 9.35 -13.84 -18.76
CA PRO A 291 10.48 -14.75 -18.95
C PRO A 291 11.30 -15.07 -17.68
N ARG A 292 10.95 -16.15 -17.01
CA ARG A 292 11.69 -16.60 -15.82
C ARG A 292 12.08 -18.05 -16.06
N PRO A 293 13.31 -18.44 -15.70
CA PRO A 293 13.71 -19.84 -15.92
C PRO A 293 13.13 -20.74 -14.86
N PHE A 294 12.09 -20.31 -14.17
CA PHE A 294 11.52 -21.16 -13.14
C PHE A 294 10.12 -20.73 -12.79
N SER A 295 9.57 -21.40 -11.79
CA SER A 295 8.23 -21.14 -11.31
C SER A 295 8.33 -21.03 -9.79
N VAL A 296 7.43 -20.30 -9.15
CA VAL A 296 7.49 -20.14 -7.69
C VAL A 296 6.21 -20.49 -6.99
N ARG A 297 6.33 -20.93 -5.75
CA ARG A 297 5.20 -21.32 -4.89
C ARG A 297 5.46 -20.78 -3.51
N TYR A 298 4.43 -20.28 -2.85
CA TYR A 298 4.65 -19.84 -1.50
C TYR A 298 4.12 -20.97 -0.62
N ASP A 299 4.86 -21.37 0.41
CA ASP A 299 4.34 -22.43 1.30
C ASP A 299 4.01 -21.69 2.59
N PRO A 300 2.71 -21.41 2.83
CA PRO A 300 2.37 -20.70 4.06
C PRO A 300 2.70 -21.47 5.36
N TYR A 301 2.88 -22.79 5.26
CA TYR A 301 3.22 -23.57 6.46
C TYR A 301 4.60 -23.27 7.00
N THR A 302 5.60 -23.09 6.12
CA THR A 302 7.00 -22.83 6.53
C THR A 302 7.45 -21.41 6.18
N GLN A 303 6.60 -20.66 5.50
CA GLN A 303 6.91 -19.30 5.07
C GLN A 303 8.14 -19.21 4.18
N ARG A 304 8.19 -20.12 3.21
CA ARG A 304 9.28 -20.14 2.24
C ARG A 304 8.71 -20.16 0.85
N ILE A 305 9.51 -19.72 -0.09
CA ILE A 305 9.14 -19.76 -1.49
C ILE A 305 9.76 -21.07 -2.04
N GLU A 306 8.98 -21.88 -2.76
CA GLU A 306 9.55 -23.08 -3.36
C GLU A 306 9.84 -22.71 -4.81
N VAL A 307 11.00 -23.10 -5.32
CA VAL A 307 11.32 -22.80 -6.71
C VAL A 307 11.20 -24.09 -7.51
N LEU A 308 10.41 -24.04 -8.58
CA LEU A 308 10.20 -25.20 -9.44
C LEU A 308 10.80 -24.88 -10.83
#